data_6J2P
#
_entry.id   6J2P
#
_cell.length_a   81.810
_cell.length_b   106.170
_cell.length_c   139.830
_cell.angle_alpha   90.000
_cell.angle_beta   90.000
_cell.angle_gamma   90.000
#
_symmetry.space_group_name_H-M   'C 2 2 21'
#
loop_
_entity.id
_entity.type
_entity.pdbx_description
1 polymer 'COMPASS component SPP1'
2 polymer 'Histone H3'
3 non-polymer 'ZINC ION'
#
loop_
_entity_poly.entity_id
_entity_poly.type
_entity_poly.pdbx_seq_one_letter_code
_entity_poly.pdbx_strand_id
1 'polypeptide(L)'
;SHNMSLPQWCPPHSTLKRNPTTGEDVYCICKRPDYGELMVGCDGCDDWFHFTCLHIPEQFKDLVFSFYCPYCQAGITGKN
KNGEGSLPKTLWKRKCRISDCYKPCLQDSKYCSEEHGREFVND
;
A,B,C,D
2 'polypeptide(L)' ART(M3L)QTA E,F,G,H
#
# COMPACT_ATOMS: atom_id res chain seq x y z
N THR A 22 4.66 17.01 26.27
CA THR A 22 3.31 17.18 25.75
C THR A 22 3.29 17.02 24.23
N GLY A 23 4.09 16.07 23.73
CA GLY A 23 4.14 15.80 22.30
C GLY A 23 5.54 15.88 21.74
N GLU A 24 6.11 14.73 21.38
CA GLU A 24 7.44 14.70 20.82
C GLU A 24 7.44 15.29 19.41
N ASP A 25 8.64 15.69 18.96
CA ASP A 25 8.77 16.27 17.63
C ASP A 25 8.43 15.25 16.55
N VAL A 26 7.84 15.75 15.47
CA VAL A 26 7.32 14.93 14.39
C VAL A 26 7.96 15.36 13.07
N TYR A 27 7.87 14.48 12.08
CA TYR A 27 8.46 14.73 10.77
C TYR A 27 7.57 14.15 9.69
N CYS A 28 7.99 14.33 8.44
CA CYS A 28 7.38 13.65 7.29
C CYS A 28 5.95 14.09 7.04
N ILE A 29 5.32 13.49 6.01
CA ILE A 29 3.92 13.78 5.73
C ILE A 29 3.00 13.07 6.72
N CYS A 30 3.47 11.99 7.36
CA CYS A 30 2.71 11.31 8.38
C CYS A 30 2.67 12.08 9.70
N LYS A 31 3.59 13.02 9.90
CA LYS A 31 3.69 13.79 11.14
C LYS A 31 3.77 12.87 12.36
N ARG A 32 4.63 11.86 12.24
CA ARG A 32 5.00 10.95 13.30
C ARG A 32 6.45 11.17 13.71
N PRO A 33 6.84 10.80 14.92
CA PRO A 33 8.19 11.08 15.39
C PRO A 33 9.23 10.21 14.69
N ASP A 34 10.49 10.56 14.92
CA ASP A 34 11.64 9.78 14.44
C ASP A 34 11.86 8.63 15.41
N TYR A 35 11.29 7.47 15.10
CA TYR A 35 11.40 6.29 15.94
C TYR A 35 12.49 5.34 15.49
N GLY A 36 13.42 5.81 14.66
CA GLY A 36 14.60 5.04 14.31
C GLY A 36 14.63 4.49 12.90
N GLU A 37 13.60 4.70 12.09
CA GLU A 37 13.59 4.13 10.76
C GLU A 37 14.26 5.07 9.76
N LEU A 38 14.53 4.53 8.57
CA LEU A 38 15.32 5.22 7.57
C LEU A 38 14.55 6.39 6.96
N MET A 39 15.24 7.52 6.78
CA MET A 39 14.61 8.76 6.34
C MET A 39 15.54 9.54 5.43
N VAL A 40 14.95 10.45 4.65
CA VAL A 40 15.69 11.43 3.86
C VAL A 40 15.35 12.82 4.38
N GLY A 41 16.31 13.73 4.27
CA GLY A 41 16.08 15.13 4.54
C GLY A 41 15.83 15.88 3.25
N CYS A 42 14.73 16.63 3.21
CA CYS A 42 14.43 17.43 2.04
C CYS A 42 15.42 18.58 1.91
N ASP A 43 15.63 19.03 0.67
CA ASP A 43 16.56 20.12 0.42
C ASP A 43 15.86 21.46 0.22
N GLY A 44 14.55 21.46 -0.06
CA GLY A 44 13.79 22.70 -0.09
C GLY A 44 13.57 23.21 1.31
N CYS A 45 12.65 22.56 2.04
CA CYS A 45 12.55 22.77 3.48
C CYS A 45 13.57 21.89 4.19
N ASP A 46 13.64 22.00 5.51
CA ASP A 46 14.56 21.20 6.30
C ASP A 46 13.83 20.11 7.08
N ASP A 47 12.88 19.45 6.43
CA ASP A 47 12.12 18.37 7.05
C ASP A 47 12.76 17.01 6.73
N TRP A 48 12.22 15.97 7.35
CA TRP A 48 12.70 14.60 7.16
C TRP A 48 11.51 13.70 6.90
N PHE A 49 11.68 12.75 5.99
CA PHE A 49 10.58 11.94 5.48
C PHE A 49 10.96 10.47 5.47
N HIS A 50 10.05 9.62 5.94
CA HIS A 50 10.30 8.19 5.95
C HIS A 50 10.30 7.63 4.54
N PHE A 51 11.19 6.66 4.30
CA PHE A 51 11.18 5.95 3.03
C PHE A 51 9.83 5.28 2.77
N THR A 52 9.29 4.61 3.79
CA THR A 52 8.04 3.88 3.61
C THR A 52 6.87 4.82 3.29
N CYS A 53 6.89 6.04 3.83
CA CYS A 53 5.81 6.97 3.54
C CYS A 53 5.89 7.49 2.11
N LEU A 54 7.08 7.55 1.53
CA LEU A 54 7.27 7.98 0.15
C LEU A 54 7.21 6.82 -0.83
N HIS A 55 7.03 5.59 -0.34
CA HIS A 55 6.98 4.39 -1.17
C HIS A 55 8.25 4.24 -2.00
N ILE A 56 9.39 4.63 -1.45
CA ILE A 56 10.69 4.43 -2.08
C ILE A 56 11.32 3.20 -1.45
N PRO A 57 11.75 2.21 -2.23
CA PRO A 57 12.36 1.01 -1.66
C PRO A 57 13.60 1.34 -0.85
N GLU A 58 13.76 0.62 0.27
CA GLU A 58 14.86 0.89 1.18
C GLU A 58 16.22 0.60 0.54
N GLN A 59 16.27 -0.36 -0.38
CA GLN A 59 17.54 -0.72 -1.01
C GLN A 59 18.13 0.42 -1.84
N PHE A 60 17.30 1.37 -2.28
CA PHE A 60 17.78 2.58 -2.96
C PHE A 60 18.30 3.62 -1.99
N LYS A 61 18.95 3.18 -0.91
CA LYS A 61 19.32 4.06 0.19
C LYS A 61 20.34 5.11 -0.25
N ASP A 62 21.32 4.71 -1.05
CA ASP A 62 22.42 5.58 -1.44
C ASP A 62 22.37 5.95 -2.92
N LEU A 63 21.20 5.85 -3.55
CA LEU A 63 21.03 6.18 -4.96
C LEU A 63 20.34 7.52 -5.16
N VAL A 64 20.24 8.35 -4.12
CA VAL A 64 19.60 9.64 -4.18
C VAL A 64 20.68 10.71 -4.10
N PHE A 65 20.71 11.59 -5.10
CA PHE A 65 21.66 12.70 -5.06
C PHE A 65 21.10 13.87 -4.25
N SER A 66 19.87 14.28 -4.56
CA SER A 66 19.20 15.34 -3.81
C SER A 66 17.70 15.05 -3.83
N PHE A 67 17.10 15.07 -2.64
CA PHE A 67 15.68 14.73 -2.50
C PHE A 67 14.86 15.99 -2.29
N TYR A 68 13.67 16.02 -2.88
CA TYR A 68 12.72 17.10 -2.71
C TYR A 68 11.35 16.49 -2.42
N CYS A 69 10.78 16.84 -1.27
CA CYS A 69 9.52 16.26 -0.85
C CYS A 69 8.39 16.66 -1.80
N PRO A 70 7.27 15.94 -1.79
CA PRO A 70 6.16 16.28 -2.69
C PRO A 70 5.66 17.70 -2.52
N TYR A 71 5.71 18.25 -1.31
CA TYR A 71 5.22 19.60 -1.08
C TYR A 71 6.21 20.66 -1.56
N CYS A 72 7.49 20.33 -1.67
CA CYS A 72 8.46 21.27 -2.21
C CYS A 72 8.47 21.24 -3.74
N GLN A 73 8.25 20.07 -4.34
CA GLN A 73 8.14 19.98 -5.78
C GLN A 73 6.88 20.65 -6.30
N ALA A 74 5.88 20.85 -5.45
CA ALA A 74 4.67 21.56 -5.82
C ALA A 74 4.74 23.05 -5.54
N GLY A 75 5.89 23.53 -5.06
CA GLY A 75 6.05 24.95 -4.77
C GLY A 75 5.25 25.44 -3.59
N ILE A 76 4.99 24.57 -2.61
CA ILE A 76 4.15 24.92 -1.48
C ILE A 76 5.00 25.31 -0.28
N THR A 77 6.17 24.66 -0.14
CA THR A 77 6.97 24.91 1.06
C THR A 77 8.47 24.95 0.79
N GLY A 78 8.89 25.09 -0.47
CA GLY A 78 10.31 25.12 -0.75
C GLY A 78 10.98 26.44 -0.45
N LYS A 79 11.64 27.03 -1.45
CA LYS A 79 12.26 28.33 -1.28
C LYS A 79 12.31 29.13 -2.59
N ASN A 80 11.58 28.72 -3.62
CA ASN A 80 11.63 29.37 -4.93
C ASN A 80 10.46 30.34 -5.05
N LYS A 81 10.78 31.64 -5.17
CA LYS A 81 9.78 32.70 -5.36
C LYS A 81 8.70 32.68 -4.28
N GLY A 85 12.06 31.16 -12.70
CA GLY A 85 11.48 30.41 -11.60
C GLY A 85 11.06 29.01 -12.01
N SER A 86 11.67 28.01 -11.38
CA SER A 86 11.36 26.61 -11.65
C SER A 86 11.17 25.87 -10.33
N LEU A 87 10.63 24.66 -10.42
CA LEU A 87 10.36 23.86 -9.24
C LEU A 87 11.40 22.75 -9.08
N PRO A 88 11.88 22.52 -7.87
CA PRO A 88 12.91 21.50 -7.67
C PRO A 88 12.35 20.10 -7.86
N LYS A 89 13.21 19.21 -8.35
CA LYS A 89 12.84 17.82 -8.62
C LYS A 89 13.89 16.90 -8.01
N THR A 90 13.45 15.76 -7.52
CA THR A 90 14.38 14.79 -6.93
C THR A 90 15.29 14.21 -8.00
N LEU A 91 16.59 14.28 -7.76
CA LEU A 91 17.59 13.73 -8.68
C LEU A 91 18.12 12.41 -8.14
N TRP A 92 18.24 11.42 -9.02
CA TRP A 92 18.69 10.09 -8.65
C TRP A 92 20.08 9.83 -9.21
N LYS A 93 20.92 9.17 -8.42
CA LYS A 93 22.25 8.78 -8.86
C LYS A 93 22.16 7.63 -9.86
N ARG A 94 23.32 7.31 -10.46
CA ARG A 94 23.42 6.23 -11.43
C ARG A 94 23.93 4.98 -10.72
N LYS A 95 23.09 3.95 -10.68
CA LYS A 95 23.41 2.74 -9.93
C LYS A 95 24.44 1.88 -10.67
N CYS A 96 25.34 1.27 -9.90
CA CYS A 96 26.32 0.34 -10.46
C CYS A 96 25.63 -0.71 -11.31
N ARG A 97 26.19 -0.96 -12.51
CA ARG A 97 25.53 -1.80 -13.49
C ARG A 97 25.53 -3.28 -13.14
N ILE A 98 26.24 -3.68 -12.08
CA ILE A 98 26.07 -5.03 -11.54
C ILE A 98 24.67 -5.14 -10.96
N SER A 99 23.91 -6.13 -11.44
CA SER A 99 22.50 -6.23 -11.04
C SER A 99 22.35 -6.45 -9.53
N ASP A 100 23.36 -7.03 -8.89
CA ASP A 100 23.30 -7.25 -7.45
C ASP A 100 23.50 -5.94 -6.68
N CYS A 101 24.42 -5.10 -7.13
CA CYS A 101 24.80 -3.91 -6.37
C CYS A 101 23.72 -2.84 -6.45
N TYR A 102 23.55 -2.10 -5.36
CA TYR A 102 22.64 -0.95 -5.34
C TYR A 102 23.35 0.29 -4.80
N LYS A 103 24.68 0.38 -5.02
CA LYS A 103 25.60 1.45 -4.69
C LYS A 103 25.77 2.38 -5.88
N PRO A 104 25.97 3.67 -5.65
CA PRO A 104 26.10 4.62 -6.77
C PRO A 104 27.41 4.44 -7.52
N CYS A 105 27.35 4.74 -8.82
CA CYS A 105 28.55 4.67 -9.65
C CYS A 105 29.55 5.74 -9.26
N LEU A 106 30.80 5.52 -9.65
CA LEU A 106 31.85 6.52 -9.51
C LEU A 106 31.76 7.53 -10.67
N GLN A 107 32.66 8.49 -10.68
CA GLN A 107 32.75 9.39 -11.81
C GLN A 107 33.22 8.64 -13.05
N ASP A 108 32.54 8.88 -14.17
CA ASP A 108 32.75 8.19 -15.45
C ASP A 108 32.47 6.70 -15.30
N SER A 109 33.18 6.05 -14.36
CA SER A 109 33.06 4.61 -14.20
C SER A 109 31.60 4.18 -14.01
N LYS A 110 31.25 3.07 -14.64
CA LYS A 110 29.92 2.50 -14.52
C LYS A 110 29.80 1.52 -13.37
N TYR A 111 30.73 1.58 -12.41
CA TYR A 111 30.73 0.69 -11.26
C TYR A 111 30.96 1.48 -9.98
N CYS A 112 30.54 0.89 -8.86
CA CYS A 112 30.66 1.57 -7.58
C CYS A 112 32.09 1.59 -7.07
N SER A 113 32.93 0.65 -7.50
CA SER A 113 34.33 0.59 -7.06
C SER A 113 35.10 -0.27 -8.06
N GLU A 114 36.39 -0.47 -7.76
CA GLU A 114 37.20 -1.36 -8.59
C GLU A 114 36.85 -2.83 -8.35
N GLU A 115 36.39 -3.16 -7.13
CA GLU A 115 36.03 -4.53 -6.79
C GLU A 115 34.86 -5.05 -7.62
N HIS A 116 34.14 -4.18 -8.34
CA HIS A 116 33.05 -4.61 -9.20
C HIS A 116 33.28 -4.29 -10.67
N GLY A 117 34.46 -3.79 -11.03
CA GLY A 117 34.73 -3.39 -12.39
C GLY A 117 35.09 -4.52 -13.34
N ARG A 118 34.13 -5.38 -13.65
CA ARG A 118 34.32 -6.44 -14.63
C ARG A 118 33.06 -6.52 -15.49
N GLU A 119 33.20 -6.26 -16.79
CA GLU A 119 32.06 -6.14 -17.67
C GLU A 119 31.69 -7.47 -18.33
N PHE A 120 32.69 -8.26 -18.71
CA PHE A 120 32.46 -9.49 -19.46
C PHE A 120 33.04 -10.69 -18.72
N VAL A 121 32.56 -11.87 -19.10
CA VAL A 121 32.97 -13.09 -18.41
C VAL A 121 34.42 -13.45 -18.72
N ASN A 122 34.92 -13.04 -19.88
CA ASN A 122 36.28 -13.37 -20.28
C ASN A 122 37.11 -12.11 -20.45
N GLU B 24 -23.71 -6.78 13.43
CA GLU B 24 -24.06 -5.59 12.66
C GLU B 24 -23.54 -4.32 13.34
N ASP B 25 -22.52 -4.47 14.20
CA ASP B 25 -21.81 -3.33 14.77
C ASP B 25 -20.58 -3.03 13.91
N VAL B 26 -20.30 -1.75 13.72
CA VAL B 26 -19.34 -1.32 12.71
C VAL B 26 -18.57 -0.11 13.23
N TYR B 27 -17.31 0.01 12.79
CA TYR B 27 -16.44 1.09 13.23
C TYR B 27 -15.55 1.52 12.07
N CYS B 28 -14.69 2.51 12.34
CA CYS B 28 -13.59 2.92 11.47
C CYS B 28 -14.06 3.52 10.15
N ILE B 29 -13.11 3.89 9.30
CA ILE B 29 -13.45 4.43 7.99
C ILE B 29 -13.76 3.31 7.00
N CYS B 30 -13.15 2.13 7.19
CA CYS B 30 -13.40 1.00 6.31
C CYS B 30 -14.79 0.43 6.49
N LYS B 31 -15.47 0.76 7.60
CA LYS B 31 -16.81 0.26 7.91
C LYS B 31 -16.85 -1.26 7.90
N ARG B 32 -16.10 -1.84 8.83
CA ARG B 32 -16.05 -3.27 9.09
C ARG B 32 -16.18 -3.53 10.58
N PRO B 33 -16.82 -4.62 10.97
CA PRO B 33 -16.92 -4.94 12.41
C PRO B 33 -15.58 -5.29 13.03
N ASP B 34 -15.58 -5.51 14.34
CA ASP B 34 -14.36 -5.90 15.05
C ASP B 34 -14.17 -7.41 14.89
N TYR B 35 -13.10 -7.80 14.19
CA TYR B 35 -12.80 -9.21 13.95
C TYR B 35 -11.51 -9.64 14.63
N GLY B 36 -11.04 -8.87 15.61
CA GLY B 36 -9.80 -9.16 16.31
C GLY B 36 -8.61 -8.35 15.86
N GLU B 37 -8.77 -7.48 14.87
CA GLU B 37 -7.67 -6.66 14.40
C GLU B 37 -7.30 -5.61 15.46
N LEU B 38 -6.09 -5.08 15.33
CA LEU B 38 -5.59 -4.08 16.27
C LEU B 38 -6.19 -2.71 15.91
N MET B 39 -6.85 -2.09 16.88
CA MET B 39 -7.57 -0.84 16.64
C MET B 39 -7.26 0.16 17.74
N VAL B 40 -7.42 1.43 17.42
CA VAL B 40 -7.15 2.54 18.33
C VAL B 40 -8.40 3.41 18.43
N GLY B 41 -8.65 3.95 19.62
CA GLY B 41 -9.81 4.79 19.84
C GLY B 41 -9.45 6.27 19.69
N CYS B 42 -10.35 7.00 19.04
CA CYS B 42 -10.18 8.44 18.88
C CYS B 42 -10.61 9.17 20.14
N ASP B 43 -9.95 10.29 20.41
CA ASP B 43 -10.27 11.09 21.58
C ASP B 43 -11.16 12.29 21.27
N GLY B 44 -11.33 12.64 19.99
CA GLY B 44 -12.30 13.64 19.59
C GLY B 44 -13.68 13.04 19.51
N CYS B 45 -13.96 12.34 18.41
CA CYS B 45 -15.09 11.44 18.35
C CYS B 45 -14.74 10.14 19.07
N ASP B 46 -15.76 9.35 19.41
CA ASP B 46 -15.53 8.13 20.16
C ASP B 46 -15.67 6.90 19.27
N ASP B 47 -15.02 6.94 18.12
CA ASP B 47 -14.97 5.81 17.20
C ASP B 47 -13.58 5.19 17.23
N TRP B 48 -13.53 3.91 16.86
CA TRP B 48 -12.29 3.15 16.83
C TRP B 48 -11.87 2.90 15.39
N PHE B 49 -10.57 2.90 15.14
CA PHE B 49 -10.03 2.80 13.79
C PHE B 49 -8.94 1.76 13.74
N HIS B 50 -8.90 1.00 12.64
CA HIS B 50 -7.85 -0.01 12.47
C HIS B 50 -6.50 0.65 12.23
N PHE B 51 -5.45 0.04 12.79
CA PHE B 51 -4.10 0.51 12.50
C PHE B 51 -3.77 0.34 11.03
N THR B 52 -4.21 -0.78 10.43
CA THR B 52 -3.90 -1.05 9.03
C THR B 52 -4.58 -0.05 8.11
N CYS B 53 -5.81 0.38 8.46
CA CYS B 53 -6.55 1.30 7.62
C CYS B 53 -6.07 2.74 7.74
N LEU B 54 -5.26 3.05 8.75
CA LEU B 54 -4.64 4.36 8.88
C LEU B 54 -3.19 4.37 8.40
N HIS B 55 -2.67 3.21 7.98
CA HIS B 55 -1.27 3.04 7.59
C HIS B 55 -0.31 3.41 8.72
N ILE B 56 -0.79 3.38 9.96
CA ILE B 56 0.06 3.54 11.13
C ILE B 56 0.67 2.18 11.43
N PRO B 57 1.99 2.05 11.46
CA PRO B 57 2.61 0.75 11.72
C PRO B 57 2.14 0.17 13.04
N GLU B 58 1.75 -1.11 13.00
CA GLU B 58 1.20 -1.76 14.19
C GLU B 58 2.24 -1.91 15.30
N GLN B 59 3.52 -1.76 14.99
CA GLN B 59 4.55 -1.86 16.03
C GLN B 59 4.50 -0.69 17.00
N PHE B 60 3.80 0.38 16.66
CA PHE B 60 3.67 1.56 17.51
C PHE B 60 2.37 1.54 18.30
N LYS B 61 2.06 0.40 18.92
CA LYS B 61 0.83 0.24 19.70
C LYS B 61 0.72 1.27 20.81
N ASP B 62 1.59 1.16 21.81
CA ASP B 62 1.52 1.99 23.01
C ASP B 62 2.44 3.20 22.95
N LEU B 63 2.86 3.60 21.75
CA LEU B 63 3.63 4.82 21.57
C LEU B 63 2.74 6.04 21.31
N VAL B 64 1.42 5.86 21.38
CA VAL B 64 0.47 6.93 21.12
C VAL B 64 -0.07 7.45 22.44
N PHE B 65 0.17 8.72 22.72
CA PHE B 65 -0.38 9.34 23.93
C PHE B 65 -1.86 9.64 23.75
N SER B 66 -2.21 10.37 22.68
CA SER B 66 -3.59 10.68 22.37
C SER B 66 -3.75 10.65 20.85
N PHE B 67 -4.80 9.99 20.38
CA PHE B 67 -5.03 9.80 18.96
C PHE B 67 -6.27 10.56 18.50
N TYR B 68 -6.19 11.14 17.30
CA TYR B 68 -7.31 11.83 16.69
C TYR B 68 -7.39 11.44 15.22
N CYS B 69 -8.56 10.97 14.80
CA CYS B 69 -8.75 10.50 13.44
C CYS B 69 -8.65 11.67 12.46
N PRO B 70 -8.43 11.38 11.17
CA PRO B 70 -8.32 12.47 10.18
C PRO B 70 -9.56 13.35 10.12
N TYR B 71 -10.74 12.79 10.34
CA TYR B 71 -11.96 13.59 10.29
C TYR B 71 -12.05 14.55 11.48
N CYS B 72 -11.41 14.20 12.59
CA CYS B 72 -11.40 15.09 13.75
C CYS B 72 -10.32 16.16 13.64
N GLN B 73 -9.19 15.83 13.01
CA GLN B 73 -8.12 16.80 12.80
C GLN B 73 -8.45 17.81 11.71
N ALA B 74 -9.58 17.66 11.03
CA ALA B 74 -9.99 18.57 9.97
C ALA B 74 -11.18 19.45 10.35
N GLY B 75 -11.84 19.16 11.46
CA GLY B 75 -12.98 19.95 11.89
C GLY B 75 -14.33 19.38 11.52
N ILE B 76 -14.39 18.15 11.01
CA ILE B 76 -15.67 17.56 10.62
C ILE B 76 -16.34 16.86 11.79
N THR B 77 -15.58 16.12 12.59
CA THR B 77 -16.11 15.38 13.74
C THR B 77 -15.49 15.93 15.02
N GLY B 78 -16.10 15.56 16.15
CA GLY B 78 -15.60 15.95 17.45
C GLY B 78 -16.16 17.25 17.96
N LYS B 79 -15.31 18.08 18.56
CA LYS B 79 -15.73 19.36 19.12
C LYS B 79 -14.72 20.46 18.79
N GLU B 84 -14.40 25.94 18.48
CA GLU B 84 -13.53 26.94 17.86
C GLU B 84 -12.18 27.01 18.56
N GLY B 85 -11.35 27.95 18.13
CA GLY B 85 -10.02 28.10 18.69
C GLY B 85 -8.97 27.31 17.94
N SER B 86 -8.94 25.99 18.17
CA SER B 86 -8.00 25.11 17.48
C SER B 86 -8.59 23.71 17.43
N LEU B 87 -7.93 22.84 16.68
CA LEU B 87 -8.36 21.46 16.53
C LEU B 87 -7.23 20.51 16.88
N PRO B 88 -7.54 19.35 17.45
CA PRO B 88 -6.50 18.53 18.08
C PRO B 88 -5.62 17.82 17.06
N LYS B 89 -4.43 17.44 17.55
CA LYS B 89 -3.46 16.68 16.79
C LYS B 89 -3.08 15.43 17.57
N THR B 90 -2.66 14.40 16.85
CA THR B 90 -2.26 13.14 17.51
C THR B 90 -0.90 13.32 18.16
N LEU B 91 -0.86 13.13 19.48
CA LEU B 91 0.37 13.25 20.25
C LEU B 91 1.02 11.87 20.43
N TRP B 92 2.35 11.87 20.43
CA TRP B 92 3.12 10.63 20.51
C TRP B 92 4.04 10.67 21.73
N LYS B 93 4.43 9.48 22.19
CA LYS B 93 5.23 9.31 23.38
C LYS B 93 6.71 9.13 23.03
N ARG B 94 7.56 9.26 24.03
CA ARG B 94 8.98 9.00 23.88
C ARG B 94 9.24 7.50 23.87
N LYS B 95 10.16 7.08 23.01
CA LYS B 95 10.48 5.67 22.84
C LYS B 95 11.70 5.29 23.68
N CYS B 96 11.72 4.02 24.10
CA CYS B 96 12.80 3.51 24.94
C CYS B 96 14.15 3.62 24.23
N ARG B 97 15.21 3.82 25.02
CA ARG B 97 16.54 3.98 24.45
C ARG B 97 17.04 2.73 23.75
N ILE B 98 16.50 1.55 24.09
CA ILE B 98 16.88 0.33 23.40
C ILE B 98 16.39 0.38 21.96
N SER B 99 17.32 0.15 21.02
CA SER B 99 17.01 0.35 19.61
C SER B 99 15.88 -0.55 19.14
N ASP B 100 15.98 -1.85 19.43
CA ASP B 100 14.98 -2.80 18.95
C ASP B 100 13.64 -2.68 19.67
N CYS B 101 13.55 -1.85 20.71
CA CYS B 101 12.34 -1.73 21.50
C CYS B 101 11.47 -0.58 21.01
N TYR B 102 10.16 -0.78 21.02
CA TYR B 102 9.20 0.23 20.61
C TYR B 102 8.13 0.42 21.66
N LYS B 103 8.53 0.40 22.94
CA LYS B 103 7.71 0.62 24.12
C LYS B 103 7.91 2.04 24.64
N PRO B 104 6.89 2.63 25.27
CA PRO B 104 7.03 4.00 25.75
C PRO B 104 7.90 4.10 26.99
N CYS B 105 8.64 5.19 27.08
CA CYS B 105 9.45 5.47 28.27
C CYS B 105 8.56 5.71 29.48
N LEU B 106 9.10 5.42 30.65
CA LEU B 106 8.42 5.76 31.89
C LEU B 106 8.63 7.23 32.21
N GLN B 107 7.82 7.74 33.15
CA GLN B 107 7.65 9.18 33.33
C GLN B 107 8.95 9.99 33.28
N ASP B 108 9.94 9.60 34.08
CA ASP B 108 11.19 10.35 34.15
C ASP B 108 12.39 9.53 33.70
N SER B 109 12.16 8.38 33.08
CA SER B 109 13.23 7.50 32.65
C SER B 109 13.32 7.47 31.13
N LYS B 110 14.48 7.05 30.63
CA LYS B 110 14.69 6.84 29.20
C LYS B 110 14.53 5.38 28.81
N TYR B 111 13.96 4.54 29.69
CA TYR B 111 13.74 3.14 29.43
C TYR B 111 12.29 2.79 29.73
N CYS B 112 11.87 1.60 29.30
CA CYS B 112 10.50 1.14 29.48
C CYS B 112 10.35 0.16 30.63
N SER B 113 11.45 -0.33 31.19
CA SER B 113 11.46 -1.40 32.17
C SER B 113 12.81 -1.38 32.89
N GLU B 114 12.94 -2.26 33.90
CA GLU B 114 14.27 -2.58 34.40
C GLU B 114 14.97 -3.54 33.45
N GLU B 115 14.19 -4.41 32.79
CA GLU B 115 14.76 -5.35 31.82
C GLU B 115 15.59 -4.62 30.78
N HIS B 116 15.13 -3.45 30.34
CA HIS B 116 15.89 -2.61 29.43
C HIS B 116 16.69 -1.52 30.13
N GLY B 117 16.32 -1.18 31.37
CA GLY B 117 17.13 -0.24 32.13
C GLY B 117 18.46 -0.82 32.57
N ARG B 118 18.55 -2.15 32.67
CA ARG B 118 19.80 -2.82 32.94
C ARG B 118 20.54 -3.26 31.69
N GLU B 119 19.80 -3.45 30.59
CA GLU B 119 20.41 -3.88 29.33
C GLU B 119 21.36 -2.81 28.80
N PHE B 120 20.82 -1.65 28.44
CA PHE B 120 21.59 -0.52 27.93
C PHE B 120 22.45 -0.91 26.73
N GLU C 24 -9.65 -11.26 -22.59
CA GLU C 24 -10.69 -11.93 -21.82
C GLU C 24 -11.56 -10.90 -21.11
N ASP C 25 -12.80 -11.30 -20.78
CA ASP C 25 -13.72 -10.48 -20.01
C ASP C 25 -13.07 -9.96 -18.73
N VAL C 26 -13.61 -8.88 -18.17
CA VAL C 26 -12.92 -8.10 -17.15
C VAL C 26 -13.91 -7.68 -16.08
N TYR C 27 -13.48 -7.75 -14.81
CA TYR C 27 -14.32 -7.45 -13.67
C TYR C 27 -13.65 -6.42 -12.77
N CYS C 28 -14.36 -6.06 -11.69
CA CYS C 28 -13.83 -5.29 -10.56
C CYS C 28 -13.42 -3.87 -10.91
N ILE C 29 -13.16 -3.06 -9.87
CA ILE C 29 -12.63 -1.72 -10.07
C ILE C 29 -11.21 -1.78 -10.59
N CYS C 30 -10.50 -2.89 -10.36
CA CYS C 30 -9.19 -3.11 -10.96
C CYS C 30 -9.26 -3.09 -12.47
N LYS C 31 -10.37 -3.56 -13.04
CA LYS C 31 -10.53 -3.76 -14.48
C LYS C 31 -9.45 -4.69 -15.04
N ARG C 32 -9.26 -5.82 -14.37
CA ARG C 32 -8.46 -6.93 -14.86
C ARG C 32 -9.21 -8.24 -14.63
N PRO C 33 -8.97 -9.26 -15.46
CA PRO C 33 -9.84 -10.45 -15.43
C PRO C 33 -9.77 -11.26 -14.15
N ASP C 34 -10.60 -12.29 -14.07
CA ASP C 34 -10.58 -13.24 -12.95
C ASP C 34 -9.54 -14.31 -13.24
N TYR C 35 -8.44 -14.29 -12.48
CA TYR C 35 -7.36 -15.23 -12.67
C TYR C 35 -7.27 -16.24 -11.53
N GLY C 36 -8.41 -16.58 -10.93
CA GLY C 36 -8.45 -17.61 -9.92
C GLY C 36 -8.25 -17.14 -8.50
N GLU C 37 -8.35 -15.84 -8.23
CA GLU C 37 -8.19 -15.31 -6.89
C GLU C 37 -9.56 -15.06 -6.25
N LEU C 38 -9.53 -14.76 -4.95
CA LEU C 38 -10.76 -14.59 -4.20
C LEU C 38 -11.48 -13.32 -4.64
N MET C 39 -12.72 -13.48 -5.10
CA MET C 39 -13.56 -12.37 -5.53
C MET C 39 -14.84 -12.37 -4.70
N VAL C 40 -15.72 -11.41 -4.99
CA VAL C 40 -17.01 -11.29 -4.31
C VAL C 40 -17.98 -10.58 -5.24
N GLY C 41 -19.19 -11.11 -5.34
CA GLY C 41 -20.21 -10.52 -6.18
C GLY C 41 -20.96 -9.41 -5.48
N CYS C 42 -21.28 -8.37 -6.23
CA CYS C 42 -22.03 -7.23 -5.71
C CYS C 42 -23.52 -7.48 -5.84
N ASP C 43 -24.29 -6.91 -4.92
CA ASP C 43 -25.74 -7.08 -4.90
C ASP C 43 -26.50 -5.88 -5.44
N GLY C 44 -25.87 -4.71 -5.50
CA GLY C 44 -26.48 -3.56 -6.15
C GLY C 44 -26.40 -3.71 -7.66
N CYS C 45 -25.18 -3.58 -8.20
CA CYS C 45 -24.90 -4.03 -9.57
C CYS C 45 -24.63 -5.52 -9.54
N ASP C 46 -24.03 -6.07 -10.58
CA ASP C 46 -23.64 -7.48 -10.58
C ASP C 46 -22.22 -7.63 -11.10
N ASP C 47 -21.35 -6.68 -10.78
CA ASP C 47 -19.93 -6.84 -11.04
C ASP C 47 -19.28 -7.62 -9.90
N TRP C 48 -18.11 -8.19 -10.20
CA TRP C 48 -17.37 -9.00 -9.24
C TRP C 48 -16.05 -8.32 -8.94
N PHE C 49 -15.70 -8.25 -7.65
CA PHE C 49 -14.59 -7.44 -7.19
C PHE C 49 -13.58 -8.28 -6.42
N HIS C 50 -12.30 -8.01 -6.65
CA HIS C 50 -11.23 -8.73 -5.97
C HIS C 50 -11.18 -8.34 -4.49
N PHE C 51 -10.87 -9.31 -3.64
CA PHE C 51 -10.64 -9.01 -2.23
C PHE C 51 -9.37 -8.18 -2.05
N THR C 52 -8.39 -8.37 -2.93
CA THR C 52 -7.13 -7.64 -2.82
C THR C 52 -7.26 -6.17 -3.22
N CYS C 53 -8.31 -5.80 -3.95
CA CYS C 53 -8.46 -4.43 -4.42
C CYS C 53 -9.28 -3.57 -3.45
N LEU C 54 -10.10 -4.17 -2.60
CA LEU C 54 -10.86 -3.43 -1.61
C LEU C 54 -10.23 -3.50 -0.22
N HIS C 55 -9.04 -4.09 -0.12
CA HIS C 55 -8.30 -4.15 1.14
C HIS C 55 -9.11 -4.85 2.23
N ILE C 56 -9.83 -5.89 1.84
CA ILE C 56 -10.55 -6.76 2.78
C ILE C 56 -9.76 -8.05 2.93
N PRO C 57 -9.36 -8.44 4.14
CA PRO C 57 -8.54 -9.65 4.29
C PRO C 57 -9.25 -10.89 3.77
N GLU C 58 -8.45 -11.84 3.28
CA GLU C 58 -9.00 -13.06 2.69
C GLU C 58 -9.76 -13.90 3.71
N GLN C 59 -9.31 -13.89 4.97
CA GLN C 59 -9.92 -14.72 6.01
C GLN C 59 -11.35 -14.34 6.34
N PHE C 60 -11.83 -13.19 5.86
CA PHE C 60 -13.19 -12.73 6.14
C PHE C 60 -14.17 -13.13 5.05
N LYS C 61 -13.84 -14.14 4.24
CA LYS C 61 -14.66 -14.45 3.08
C LYS C 61 -16.04 -14.97 3.46
N ASP C 62 -16.11 -15.83 4.48
CA ASP C 62 -17.36 -16.44 4.89
C ASP C 62 -18.15 -15.57 5.87
N LEU C 63 -17.76 -14.32 6.05
CA LEU C 63 -18.34 -13.46 7.07
C LEU C 63 -19.18 -12.33 6.49
N VAL C 64 -19.39 -12.30 5.17
CA VAL C 64 -20.14 -11.24 4.51
C VAL C 64 -21.49 -11.81 4.11
N PHE C 65 -22.56 -11.26 4.68
CA PHE C 65 -23.91 -11.69 4.30
C PHE C 65 -24.28 -11.15 2.92
N SER C 66 -24.28 -9.83 2.76
CA SER C 66 -24.57 -9.19 1.49
C SER C 66 -23.51 -8.12 1.24
N PHE C 67 -22.93 -8.14 0.03
CA PHE C 67 -21.86 -7.23 -0.31
C PHE C 67 -22.37 -6.11 -1.21
N TYR C 68 -21.76 -4.94 -1.06
CA TYR C 68 -22.09 -3.77 -1.89
C TYR C 68 -20.80 -3.02 -2.20
N CYS C 69 -20.53 -2.82 -3.48
CA CYS C 69 -19.31 -2.18 -3.93
C CYS C 69 -19.33 -0.70 -3.57
N PRO C 70 -18.14 -0.05 -3.54
CA PRO C 70 -18.12 1.39 -3.23
C PRO C 70 -18.89 2.23 -4.22
N TYR C 71 -18.95 1.83 -5.50
CA TYR C 71 -19.73 2.58 -6.47
C TYR C 71 -21.22 2.47 -6.19
N CYS C 72 -21.68 1.29 -5.76
CA CYS C 72 -23.08 1.12 -5.40
C CYS C 72 -23.40 1.82 -4.08
N GLN C 73 -22.49 1.75 -3.11
CA GLN C 73 -22.70 2.44 -1.85
C GLN C 73 -22.72 3.96 -2.00
N ALA C 74 -22.19 4.48 -3.11
CA ALA C 74 -22.20 5.91 -3.38
C ALA C 74 -23.44 6.36 -4.14
N GLY C 75 -24.16 5.45 -4.79
CA GLY C 75 -25.34 5.81 -5.54
C GLY C 75 -25.04 6.16 -6.98
N ILE C 76 -24.22 5.34 -7.63
CA ILE C 76 -23.85 5.55 -9.02
C ILE C 76 -24.20 4.35 -9.89
N THR C 77 -24.09 3.13 -9.35
CA THR C 77 -24.33 1.90 -10.10
C THR C 77 -25.30 0.98 -9.36
N GLY C 78 -26.15 1.53 -8.49
CA GLY C 78 -26.99 0.69 -7.66
C GLY C 78 -28.48 0.87 -7.87
N LYS C 79 -28.99 0.38 -9.00
CA LYS C 79 -30.41 0.40 -9.31
C LYS C 79 -31.02 1.80 -9.21
N GLY C 85 -35.31 6.37 -2.05
CA GLY C 85 -35.14 5.66 -0.80
C GLY C 85 -33.84 6.05 -0.10
N SER C 86 -32.89 5.13 -0.04
CA SER C 86 -31.60 5.40 0.57
C SER C 86 -30.61 4.30 0.14
N LEU C 87 -29.36 4.69 -0.02
CA LEU C 87 -28.36 3.84 -0.64
C LEU C 87 -28.00 2.64 0.23
N PRO C 88 -27.68 1.49 -0.38
CA PRO C 88 -27.45 0.27 0.41
C PRO C 88 -26.10 0.30 1.13
N LYS C 89 -25.89 -0.70 1.96
CA LYS C 89 -24.67 -0.88 2.73
C LYS C 89 -24.33 -2.36 2.80
N THR C 90 -23.03 -2.66 2.77
CA THR C 90 -22.59 -4.05 2.86
C THR C 90 -22.73 -4.53 4.30
N LEU C 91 -23.41 -5.67 4.48
CA LEU C 91 -23.65 -6.23 5.79
C LEU C 91 -22.65 -7.35 6.09
N TRP C 92 -22.34 -7.52 7.37
CA TRP C 92 -21.38 -8.51 7.81
C TRP C 92 -22.02 -9.44 8.84
N LYS C 93 -21.51 -10.66 8.91
CA LYS C 93 -21.95 -11.64 9.89
C LYS C 93 -21.08 -11.55 11.15
N ARG C 94 -21.66 -12.00 12.27
CA ARG C 94 -20.91 -12.07 13.51
C ARG C 94 -19.88 -13.20 13.43
N LYS C 95 -18.78 -13.02 14.15
CA LYS C 95 -17.63 -13.92 14.04
C LYS C 95 -17.58 -14.88 15.23
N CYS C 96 -17.12 -16.09 14.94
CA CYS C 96 -16.82 -17.08 15.98
C CYS C 96 -15.86 -16.48 17.00
N ARG C 97 -16.21 -16.61 18.28
CA ARG C 97 -15.52 -15.90 19.34
C ARG C 97 -14.07 -16.36 19.55
N ILE C 98 -13.73 -17.59 19.14
CA ILE C 98 -12.38 -18.10 19.38
C ILE C 98 -11.37 -17.34 18.52
N SER C 99 -10.14 -17.26 19.02
CA SER C 99 -9.09 -16.45 18.41
C SER C 99 -8.96 -16.71 16.92
N ASP C 100 -8.88 -17.98 16.51
CA ASP C 100 -8.43 -18.31 15.17
C ASP C 100 -9.55 -18.62 14.18
N CYS C 101 -10.70 -19.09 14.63
CA CYS C 101 -11.76 -19.49 13.71
C CYS C 101 -12.36 -18.25 13.04
N TYR C 102 -12.28 -18.21 11.71
CA TYR C 102 -12.84 -17.11 10.94
C TYR C 102 -14.10 -17.56 10.21
N LYS C 103 -15.05 -18.12 10.94
CA LYS C 103 -16.32 -18.58 10.41
C LYS C 103 -17.48 -17.92 11.16
N PRO C 104 -18.61 -17.71 10.49
CA PRO C 104 -19.72 -16.99 11.15
C PRO C 104 -20.38 -17.80 12.25
N CYS C 105 -21.32 -17.17 12.97
CA CYS C 105 -22.02 -17.82 14.06
C CYS C 105 -23.24 -18.58 13.53
N LEU C 106 -23.95 -19.24 14.44
CA LEU C 106 -25.17 -19.95 14.12
C LEU C 106 -26.37 -19.04 14.38
N GLN C 107 -27.55 -19.64 14.59
CA GLN C 107 -28.74 -18.84 14.85
C GLN C 107 -28.70 -18.24 16.26
N ASP C 108 -28.40 -19.07 17.25
CA ASP C 108 -28.30 -18.61 18.63
C ASP C 108 -26.87 -18.41 19.12
N SER C 109 -25.91 -19.04 18.46
CA SER C 109 -24.58 -19.24 19.01
C SER C 109 -23.74 -17.96 18.96
N LYS C 110 -22.62 -18.02 19.66
CA LYS C 110 -21.56 -17.04 19.54
C LYS C 110 -20.36 -17.58 18.79
N TYR C 111 -20.37 -18.85 18.41
CA TYR C 111 -19.26 -19.52 17.74
C TYR C 111 -19.75 -20.19 16.46
N CYS C 112 -18.81 -20.76 15.71
CA CYS C 112 -19.09 -21.32 14.40
C CYS C 112 -19.83 -22.65 14.44
N SER C 113 -19.83 -23.34 15.57
CA SER C 113 -20.46 -24.65 15.67
C SER C 113 -20.62 -24.98 17.15
N GLU C 114 -20.98 -26.23 17.43
CA GLU C 114 -20.94 -26.75 18.78
C GLU C 114 -19.80 -27.73 19.02
N GLU C 115 -19.12 -28.17 17.95
CA GLU C 115 -17.82 -28.80 18.12
C GLU C 115 -16.81 -27.81 18.68
N HIS C 116 -16.97 -26.54 18.34
CA HIS C 116 -16.24 -25.45 18.97
C HIS C 116 -16.92 -24.95 20.23
N GLY C 117 -17.93 -25.67 20.73
CA GLY C 117 -18.68 -25.27 21.90
C GLY C 117 -17.89 -25.21 23.19
N ARG C 118 -16.62 -25.61 23.17
CA ARG C 118 -15.76 -25.53 24.35
C ARG C 118 -15.43 -24.08 24.68
N GLY D 23 21.19 13.93 -13.58
CA GLY D 23 20.55 12.76 -13.00
C GLY D 23 20.24 11.68 -14.01
N GLU D 24 20.07 10.46 -13.52
CA GLU D 24 19.77 9.32 -14.39
C GLU D 24 18.38 9.50 -15.02
N ASP D 25 18.22 8.93 -16.21
CA ASP D 25 16.94 9.00 -16.91
C ASP D 25 15.83 8.41 -16.05
N VAL D 26 14.63 8.98 -16.20
CA VAL D 26 13.54 8.79 -15.25
C VAL D 26 12.30 8.30 -16.00
N TYR D 27 11.64 7.29 -15.45
CA TYR D 27 10.47 6.66 -16.05
C TYR D 27 9.29 6.68 -15.08
N CYS D 28 8.17 6.09 -15.53
CA CYS D 28 7.01 5.75 -14.71
C CYS D 28 6.34 6.95 -14.06
N ILE D 29 5.30 6.69 -13.26
CA ILE D 29 4.61 7.76 -12.55
C ILE D 29 5.34 8.11 -11.26
N CYS D 30 6.10 7.17 -10.70
CA CYS D 30 6.92 7.47 -9.53
C CYS D 30 8.08 8.37 -9.86
N LYS D 31 8.39 8.55 -11.15
CA LYS D 31 9.47 9.43 -11.61
C LYS D 31 10.81 8.98 -11.04
N ARG D 32 11.05 7.67 -11.09
CA ARG D 32 12.31 7.06 -10.65
C ARG D 32 13.00 6.37 -11.83
N PRO D 33 14.32 6.24 -11.78
CA PRO D 33 15.03 5.58 -12.89
C PRO D 33 14.80 4.07 -12.94
N ASP D 34 15.40 3.42 -13.93
CA ASP D 34 15.28 1.97 -14.11
C ASP D 34 16.43 1.30 -13.37
N TYR D 35 16.13 0.74 -12.19
CA TYR D 35 17.12 0.07 -11.38
C TYR D 35 17.03 -1.44 -11.47
N GLY D 36 16.34 -1.97 -12.46
CA GLY D 36 16.26 -3.41 -12.70
C GLY D 36 14.93 -4.04 -12.35
N GLU D 37 14.00 -3.31 -11.74
CA GLU D 37 12.71 -3.89 -11.37
C GLU D 37 11.85 -4.12 -12.60
N LEU D 38 10.81 -4.94 -12.42
CA LEU D 38 9.96 -5.34 -13.54
C LEU D 38 9.09 -4.17 -14.00
N MET D 39 9.08 -3.93 -15.31
CA MET D 39 8.36 -2.82 -15.90
C MET D 39 7.57 -3.28 -17.11
N VAL D 40 6.62 -2.44 -17.53
CA VAL D 40 5.81 -2.68 -18.71
C VAL D 40 5.81 -1.41 -19.55
N GLY D 41 5.79 -1.57 -20.87
CA GLY D 41 5.80 -0.44 -21.77
C GLY D 41 4.40 -0.06 -22.20
N CYS D 42 4.10 1.24 -22.16
CA CYS D 42 2.81 1.73 -22.61
C CYS D 42 2.82 1.93 -24.12
N ASP D 43 1.65 1.75 -24.74
CA ASP D 43 1.53 1.80 -26.19
C ASP D 43 1.03 3.13 -26.72
N GLY D 44 0.33 3.92 -25.90
CA GLY D 44 -0.02 5.27 -26.29
C GLY D 44 1.23 6.14 -26.39
N CYS D 45 1.84 6.39 -25.24
CA CYS D 45 3.18 6.97 -25.16
C CYS D 45 4.14 5.87 -24.74
N ASP D 46 5.35 5.89 -25.31
CA ASP D 46 6.30 4.81 -25.06
C ASP D 46 7.11 5.06 -23.79
N ASP D 47 6.38 5.21 -22.69
CA ASP D 47 6.97 5.28 -21.36
C ASP D 47 6.81 3.94 -20.64
N TRP D 48 7.76 3.62 -19.78
CA TRP D 48 7.76 2.36 -19.06
C TRP D 48 7.34 2.59 -17.62
N PHE D 49 6.63 1.62 -17.06
CA PHE D 49 5.98 1.79 -15.77
C PHE D 49 6.23 0.58 -14.89
N HIS D 50 6.56 0.83 -13.62
CA HIS D 50 6.79 -0.25 -12.68
C HIS D 50 5.49 -1.01 -12.39
N PHE D 51 5.60 -2.32 -12.28
CA PHE D 51 4.43 -3.12 -11.91
C PHE D 51 3.96 -2.79 -10.50
N THR D 52 4.92 -2.54 -9.59
CA THR D 52 4.55 -2.22 -8.21
C THR D 52 3.85 -0.87 -8.13
N CYS D 53 4.16 0.05 -9.04
CA CYS D 53 3.54 1.38 -8.99
C CYS D 53 2.10 1.33 -9.48
N LEU D 54 1.81 0.51 -10.50
CA LEU D 54 0.45 0.35 -10.99
C LEU D 54 -0.37 -0.66 -10.20
N HIS D 55 0.18 -1.18 -9.09
CA HIS D 55 -0.51 -2.13 -8.22
C HIS D 55 -0.95 -3.37 -8.99
N ILE D 56 -0.10 -3.83 -9.90
CA ILE D 56 -0.33 -5.04 -10.68
C ILE D 56 0.57 -6.13 -10.14
N PRO D 57 0.03 -7.32 -9.81
CA PRO D 57 0.89 -8.41 -9.34
C PRO D 57 1.86 -8.84 -10.42
N GLU D 58 3.09 -9.19 -10.00
CA GLU D 58 4.13 -9.56 -10.94
C GLU D 58 3.89 -10.93 -11.58
N GLN D 59 2.99 -11.73 -11.01
CA GLN D 59 2.71 -13.05 -11.58
C GLN D 59 2.08 -12.93 -12.96
N PHE D 60 1.39 -11.83 -13.23
CA PHE D 60 0.76 -11.59 -14.52
C PHE D 60 1.68 -10.89 -15.50
N LYS D 61 2.98 -11.20 -15.45
CA LYS D 61 3.95 -10.48 -16.28
C LYS D 61 3.73 -10.72 -17.76
N ASP D 62 3.36 -11.95 -18.14
CA ASP D 62 3.14 -12.31 -19.52
C ASP D 62 1.66 -12.46 -19.87
N LEU D 63 0.78 -11.89 -19.04
CA LEU D 63 -0.66 -11.96 -19.28
C LEU D 63 -1.20 -10.74 -20.01
N VAL D 64 -0.40 -9.69 -20.17
CA VAL D 64 -0.83 -8.49 -20.89
C VAL D 64 -0.66 -8.71 -22.38
N PHE D 65 -1.50 -8.04 -23.17
CA PHE D 65 -1.34 -7.98 -24.62
C PHE D 65 -1.01 -6.57 -25.09
N SER D 66 -1.71 -5.57 -24.60
CA SER D 66 -1.42 -4.17 -24.93
C SER D 66 -1.74 -3.34 -23.70
N PHE D 67 -0.70 -2.89 -22.99
CA PHE D 67 -0.89 -2.11 -21.79
C PHE D 67 -0.94 -0.63 -22.12
N TYR D 68 -1.85 0.09 -21.45
CA TYR D 68 -2.01 1.52 -21.62
C TYR D 68 -2.03 2.18 -20.26
N CYS D 69 -1.11 3.11 -20.03
CA CYS D 69 -0.92 3.73 -18.73
C CYS D 69 -2.14 4.57 -18.35
N PRO D 70 -2.29 4.89 -17.06
CA PRO D 70 -3.45 5.71 -16.64
C PRO D 70 -3.55 7.04 -17.36
N TYR D 71 -2.42 7.67 -17.68
CA TYR D 71 -2.48 8.96 -18.37
C TYR D 71 -2.96 8.81 -19.81
N CYS D 72 -2.69 7.66 -20.44
CA CYS D 72 -3.18 7.42 -21.79
C CYS D 72 -4.66 7.01 -21.77
N GLN D 73 -5.07 6.20 -20.80
CA GLN D 73 -6.46 5.81 -20.69
C GLN D 73 -7.36 6.99 -20.35
N ALA D 74 -6.81 8.06 -19.80
CA ALA D 74 -7.58 9.25 -19.49
C ALA D 74 -7.50 10.30 -20.60
N GLY D 75 -6.61 10.14 -21.57
CA GLY D 75 -6.47 11.06 -22.67
C GLY D 75 -5.51 12.20 -22.45
N ILE D 76 -4.80 12.22 -21.32
CA ILE D 76 -3.81 13.27 -21.07
C ILE D 76 -2.58 13.08 -21.95
N THR D 77 -2.18 11.82 -22.15
CA THR D 77 -1.07 11.47 -23.02
C THR D 77 -1.56 10.57 -24.15
N GLY D 78 -0.63 10.15 -25.01
CA GLY D 78 -0.96 9.26 -26.09
C GLY D 78 -1.16 9.94 -27.43
N LYS D 79 -2.21 9.54 -28.16
CA LYS D 79 -2.52 10.06 -29.49
C LYS D 79 -1.34 9.88 -30.45
N GLU D 84 -9.37 10.96 -33.50
CA GLU D 84 -9.79 9.94 -32.56
C GLU D 84 -11.14 10.29 -31.93
N GLY D 85 -11.84 9.28 -31.43
CA GLY D 85 -13.14 9.48 -30.82
C GLY D 85 -13.39 8.59 -29.62
N SER D 86 -12.37 7.86 -29.18
CA SER D 86 -12.49 6.99 -28.02
C SER D 86 -11.11 6.79 -27.41
N LEU D 87 -11.10 6.55 -26.09
CA LEU D 87 -9.88 6.36 -25.32
C LEU D 87 -9.55 4.87 -25.20
N PRO D 88 -8.28 4.50 -25.33
CA PRO D 88 -7.91 3.09 -25.33
C PRO D 88 -7.84 2.51 -23.92
N LYS D 89 -7.83 1.18 -23.88
CA LYS D 89 -7.81 0.43 -22.63
C LYS D 89 -6.77 -0.67 -22.70
N THR D 90 -6.36 -1.16 -21.53
CA THR D 90 -5.41 -2.26 -21.44
C THR D 90 -6.13 -3.58 -21.70
N LEU D 91 -5.55 -4.40 -22.57
CA LEU D 91 -6.12 -5.68 -22.95
C LEU D 91 -5.32 -6.83 -22.35
N TRP D 92 -6.04 -7.83 -21.82
CA TRP D 92 -5.43 -8.94 -21.11
C TRP D 92 -5.58 -10.23 -21.92
N LYS D 93 -4.67 -11.17 -21.69
CA LYS D 93 -4.66 -12.45 -22.38
C LYS D 93 -5.48 -13.48 -21.63
N ARG D 94 -5.66 -14.64 -22.27
CA ARG D 94 -6.38 -15.75 -21.65
C ARG D 94 -5.47 -16.50 -20.69
N LYS D 95 -5.99 -16.81 -19.51
CA LYS D 95 -5.22 -17.49 -18.49
C LYS D 95 -5.31 -19.00 -18.65
N CYS D 96 -4.18 -19.68 -18.52
CA CYS D 96 -4.17 -21.14 -18.54
C CYS D 96 -5.01 -21.66 -17.38
N ARG D 97 -5.94 -22.58 -17.70
CA ARG D 97 -6.92 -23.03 -16.71
C ARG D 97 -6.26 -23.66 -15.49
N ILE D 98 -5.13 -24.34 -15.67
CA ILE D 98 -4.43 -24.94 -14.54
C ILE D 98 -3.86 -23.83 -13.67
N SER D 99 -4.23 -23.83 -12.39
CA SER D 99 -3.83 -22.76 -11.48
C SER D 99 -2.34 -22.73 -11.23
N ASP D 100 -1.63 -23.83 -11.54
CA ASP D 100 -0.18 -23.83 -11.38
C ASP D 100 0.50 -22.91 -12.38
N CYS D 101 0.05 -22.95 -13.63
CA CYS D 101 0.66 -22.18 -14.70
C CYS D 101 0.06 -20.78 -14.78
N TYR D 102 0.92 -19.79 -14.96
CA TYR D 102 0.52 -18.40 -15.17
C TYR D 102 0.85 -17.96 -16.59
N LYS D 103 0.69 -18.86 -17.55
CA LYS D 103 1.05 -18.58 -18.93
C LYS D 103 -0.18 -18.33 -19.79
N PRO D 104 -0.06 -17.53 -20.85
CA PRO D 104 -1.21 -17.30 -21.72
C PRO D 104 -1.52 -18.50 -22.60
N CYS D 105 -2.80 -18.68 -22.89
CA CYS D 105 -3.23 -19.75 -23.76
C CYS D 105 -2.93 -19.40 -25.22
N LEU D 106 -2.97 -20.42 -26.07
CA LEU D 106 -2.82 -20.22 -27.51
C LEU D 106 -4.21 -20.08 -28.13
N GLN D 107 -4.26 -20.02 -29.46
CA GLN D 107 -5.55 -20.03 -30.14
C GLN D 107 -6.27 -21.34 -29.89
N ASP D 108 -7.60 -21.28 -29.86
CA ASP D 108 -8.47 -22.43 -29.62
C ASP D 108 -8.27 -23.03 -28.22
N SER D 109 -7.02 -23.25 -27.83
CA SER D 109 -6.73 -23.91 -26.56
C SER D 109 -7.05 -23.00 -25.37
N LYS D 110 -7.33 -23.65 -24.24
CA LYS D 110 -7.43 -22.97 -22.95
C LYS D 110 -6.31 -23.39 -22.01
N TYR D 111 -5.22 -23.95 -22.56
CA TYR D 111 -4.07 -24.37 -21.78
C TYR D 111 -2.81 -23.75 -22.39
N CYS D 112 -1.76 -23.70 -21.58
CA CYS D 112 -0.52 -23.06 -22.02
C CYS D 112 0.24 -23.90 -23.04
N SER D 113 0.16 -25.22 -22.94
CA SER D 113 0.88 -26.11 -23.84
C SER D 113 0.08 -27.41 -24.00
N GLU D 114 0.63 -28.32 -24.79
CA GLU D 114 -0.07 -29.58 -25.07
C GLU D 114 0.14 -30.59 -23.96
N GLU D 115 1.38 -30.74 -23.49
CA GLU D 115 1.70 -31.78 -22.51
C GLU D 115 1.03 -31.55 -21.16
N HIS D 116 0.52 -30.35 -20.89
CA HIS D 116 -0.22 -30.07 -19.66
C HIS D 116 -1.71 -29.91 -19.91
N GLY D 117 -2.20 -30.27 -21.10
CA GLY D 117 -3.62 -30.20 -21.40
C GLY D 117 -4.38 -31.41 -20.89
N ARG D 118 -4.55 -31.50 -19.58
CA ARG D 118 -5.27 -32.62 -18.98
C ARG D 118 -6.29 -32.14 -17.95
N ALA E 1 22.17 11.58 -1.06
CA ALA E 1 21.74 12.77 -0.36
C ALA E 1 21.85 12.59 1.15
N ARG E 2 21.18 13.47 1.90
CA ARG E 2 21.19 13.42 3.36
C ARG E 2 20.23 12.34 3.82
N THR E 3 20.75 11.26 4.41
CA THR E 3 19.92 10.20 4.94
C THR E 3 20.15 10.02 6.44
N GLN E 5 19.28 7.08 9.68
CA GLN E 5 18.72 5.87 10.26
C GLN E 5 19.35 5.57 11.61
N THR E 6 18.60 5.86 12.69
CA THR E 6 19.10 5.65 14.04
C THR E 6 18.80 4.22 14.51
N ALA E 7 19.32 3.27 13.75
CA ALA E 7 19.14 1.85 14.06
C ALA E 7 20.18 0.99 13.33
N ALA F 1 -2.90 6.04 24.55
CA ALA F 1 -4.24 6.12 23.97
C ALA F 1 -5.02 4.84 24.23
N ARG F 2 -6.31 4.87 23.93
CA ARG F 2 -7.17 3.70 24.11
C ARG F 2 -7.00 2.77 22.92
N THR F 3 -6.47 1.58 23.15
CA THR F 3 -6.30 0.58 22.09
C THR F 3 -6.92 -0.75 22.50
N GLN F 5 -7.40 -5.12 20.99
CA GLN F 5 -6.97 -6.17 20.07
C GLN F 5 -7.49 -7.54 20.52
N THR F 6 -8.75 -7.82 20.17
CA THR F 6 -9.37 -9.09 20.54
C THR F 6 -8.89 -10.23 19.66
N ALA G 1 2.63 -9.11 -24.82
CA ALA G 1 2.72 -7.64 -24.80
C ALA G 1 4.18 -7.19 -24.95
N ARG G 2 4.65 -6.43 -23.97
CA ARG G 2 5.99 -5.87 -24.02
C ARG G 2 6.43 -5.55 -22.59
N THR G 3 7.31 -6.38 -22.03
CA THR G 3 7.82 -6.16 -20.68
C THR G 3 9.35 -6.11 -20.67
N GLN G 5 12.77 -6.51 -17.54
CA GLN G 5 13.20 -6.70 -16.15
C GLN G 5 14.63 -7.23 -16.09
N THR G 6 15.47 -6.57 -15.29
CA THR G 6 16.86 -6.98 -15.10
C THR G 6 17.26 -6.88 -13.63
N ALA H 1 -23.54 -15.75 -0.08
CA ALA H 1 -22.28 -15.13 0.28
C ALA H 1 -21.48 -14.75 -0.96
N ARG H 2 -21.80 -15.40 -2.08
CA ARG H 2 -21.16 -15.14 -3.36
C ARG H 2 -19.64 -15.32 -3.28
N THR H 3 -19.17 -16.57 -3.33
CA THR H 3 -17.76 -16.88 -3.16
C THR H 3 -16.99 -16.81 -4.49
N GLN H 5 -13.76 -18.64 -6.12
CA GLN H 5 -12.33 -18.44 -6.30
C GLN H 5 -11.72 -19.71 -6.94
N THR H 6 -11.70 -19.72 -8.27
CA THR H 6 -11.24 -20.88 -9.02
C THR H 6 -9.74 -21.09 -8.83
#